data_8V78
#
_entry.id   8V78
#
_cell.length_a   78.196
_cell.length_b   78.196
_cell.length_c   85.339
_cell.angle_alpha   90.00
_cell.angle_beta   90.00
_cell.angle_gamma   90.00
#
_symmetry.space_group_name_H-M   'P 42 21 2'
#
loop_
_entity.id
_entity.type
_entity.pdbx_description
1 polymer 'Inositol polyphosphate multikinase'
2 non-polymer (3P,5M)-3-{3-[(3,5-dichloropyridin-2-yl)oxy]phenyl}-5-(1H-tetrazol-5-yl)-2,1-benzoxazole
3 water water
#
_entity_poly.entity_id   1
_entity_poly.type   'polypeptide(L)'
_entity_poly.pdbx_seq_one_letter_code
;GSFTSHQVAGHMYGKDKVGILQHPDGTVLKQLQPPPRGPRELEFYNMVYAADCFDGVLLELRKYLPKYYGIWSPPTAPND
LYLKLEDVTHKFNKPCIMDVKIGQKSYDPFASSEKIQQQVSKYPLMEEIGFLVLGMRVYHVHSDSYETENQHYGRSLTKE
TIKDGVSRFFHNGYCLRKDAVAASIQKIEKILQWFENQKQLNFYASSLLFVYEGSSQGGSGGEVEVRMIDFAHVFPSNTI
DEGYVYGLKHLISVLRSILDN
;
_entity_poly.pdbx_strand_id   A
#
loop_
_chem_comp.id
_chem_comp.type
_chem_comp.name
_chem_comp.formula
YJB non-polymer (3P,5M)-3-{3-[(3,5-dichloropyridin-2-yl)oxy]phenyl}-5-(1H-tetrazol-5-yl)-2,1-benzoxazole 'C19 H10 Cl2 N6 O2'
#
# COMPACT_ATOMS: atom_id res chain seq x y z
N ILE A 20 -10.72 -8.04 -4.18
CA ILE A 20 -11.36 -6.71 -3.94
C ILE A 20 -12.58 -6.58 -4.86
N LEU A 21 -13.75 -6.41 -4.23
CA LEU A 21 -14.99 -6.10 -4.93
C LEU A 21 -15.37 -4.66 -4.61
N GLN A 22 -15.54 -3.83 -5.65
CA GLN A 22 -15.94 -2.45 -5.47
C GLN A 22 -17.45 -2.36 -5.36
N HIS A 23 -17.92 -1.74 -4.28
CA HIS A 23 -19.34 -1.57 -4.02
C HIS A 23 -19.73 -0.14 -4.40
N PRO A 24 -20.84 0.08 -5.15
CA PRO A 24 -21.29 1.43 -5.50
C PRO A 24 -21.51 2.41 -4.34
N ASP A 25 -21.61 1.89 -3.11
CA ASP A 25 -21.83 2.70 -1.94
C ASP A 25 -20.52 3.35 -1.47
N GLY A 26 -19.42 3.06 -2.18
CA GLY A 26 -18.14 3.71 -1.92
C GLY A 26 -17.24 2.88 -1.01
N THR A 27 -17.57 1.58 -0.86
CA THR A 27 -16.74 0.68 -0.09
C THR A 27 -16.17 -0.39 -1.00
N VAL A 28 -15.14 -1.08 -0.50
CA VAL A 28 -14.67 -2.33 -1.09
C VAL A 28 -14.94 -3.44 -0.08
N LEU A 29 -15.17 -4.66 -0.59
CA LEU A 29 -15.22 -5.86 0.21
C LEU A 29 -13.96 -6.68 -0.08
N LYS A 30 -13.15 -6.92 0.96
CA LYS A 30 -12.01 -7.81 0.82
C LYS A 30 -12.32 -9.13 1.53
N GLN A 31 -12.35 -10.21 0.75
CA GLN A 31 -12.53 -11.54 1.31
C GLN A 31 -11.29 -11.89 2.14
N LEU A 32 -11.50 -12.45 3.33
CA LEU A 32 -10.39 -12.88 4.17
C LEU A 32 -9.58 -13.92 3.40
N GLN A 33 -8.26 -13.75 3.38
CA GLN A 33 -7.35 -14.76 2.85
C GLN A 33 -7.45 -16.01 3.72
N PRO A 34 -6.98 -17.20 3.25
CA PRO A 34 -7.01 -18.41 4.06
C PRO A 34 -6.20 -18.25 5.34
N PRO A 35 -6.45 -19.06 6.40
CA PRO A 35 -5.71 -18.93 7.65
C PRO A 35 -4.24 -19.26 7.45
N PRO A 36 -3.30 -18.64 8.20
CA PRO A 36 -3.61 -17.66 9.24
C PRO A 36 -3.73 -16.20 8.83
N ARG A 37 -3.59 -15.91 7.53
CA ARG A 37 -3.41 -14.55 7.06
C ARG A 37 -4.70 -13.74 7.20
N GLY A 38 -5.81 -14.26 6.68
CA GLY A 38 -7.10 -13.58 6.73
C GLY A 38 -7.50 -13.23 8.17
N PRO A 39 -7.55 -14.23 9.09
CA PRO A 39 -7.82 -13.96 10.50
C PRO A 39 -6.94 -12.88 11.13
N ARG A 40 -5.66 -12.87 10.73
CA ARG A 40 -4.70 -11.91 11.27
C ARG A 40 -5.06 -10.49 10.82
N GLU A 41 -5.47 -10.34 9.55
CA GLU A 41 -5.85 -9.03 9.04
C GLU A 41 -7.13 -8.54 9.73
N LEU A 42 -8.07 -9.46 9.99
CA LEU A 42 -9.29 -9.11 10.70
C LEU A 42 -8.95 -8.58 12.09
N GLU A 43 -8.08 -9.29 12.82
CA GLU A 43 -7.74 -8.89 14.18
C GLU A 43 -6.99 -7.56 14.17
N PHE A 44 -6.20 -7.30 13.12
CA PHE A 44 -5.49 -6.04 13.01
C PHE A 44 -6.48 -4.87 12.99
N TYR A 45 -7.44 -4.93 12.06
CA TYR A 45 -8.45 -3.90 11.93
C TYR A 45 -9.25 -3.78 13.23
N ASN A 46 -9.59 -4.92 13.84
CA ASN A 46 -10.37 -4.94 15.07
C ASN A 46 -9.61 -4.25 16.21
N MET A 47 -8.29 -4.49 16.29
CA MET A 47 -7.47 -3.87 17.32
C MET A 47 -7.41 -2.35 17.11
N VAL A 48 -7.15 -1.92 15.87
CA VAL A 48 -6.91 -0.51 15.57
C VAL A 48 -8.18 0.29 15.78
N TYR A 49 -9.32 -0.25 15.32
CA TYR A 49 -10.58 0.47 15.31
C TYR A 49 -11.43 0.07 16.52
N ALA A 50 -10.80 -0.53 17.53
CA ALA A 50 -11.46 -0.82 18.80
C ALA A 50 -12.04 0.48 19.36
N ALA A 51 -13.33 0.43 19.74
CA ALA A 51 -14.08 1.63 20.08
C ALA A 51 -13.68 2.17 21.45
N ASP A 52 -12.90 1.40 22.23
CA ASP A 52 -12.46 1.82 23.54
C ASP A 52 -10.94 2.01 23.54
N CYS A 53 -10.34 2.12 22.35
CA CYS A 53 -8.90 2.31 22.22
C CYS A 53 -8.55 3.78 22.44
N PHE A 54 -7.74 4.07 23.46
CA PHE A 54 -7.20 5.40 23.67
C PHE A 54 -5.68 5.36 23.47
N ASP A 55 -5.19 4.35 22.74
CA ASP A 55 -3.78 4.28 22.37
C ASP A 55 -3.51 5.34 21.31
N GLY A 56 -2.74 6.37 21.68
CA GLY A 56 -2.47 7.51 20.82
C GLY A 56 -1.81 7.11 19.51
N VAL A 57 -1.02 6.03 19.53
CA VAL A 57 -0.36 5.51 18.34
C VAL A 57 -1.42 4.94 17.39
N LEU A 58 -2.36 4.16 17.94
CA LEU A 58 -3.35 3.49 17.11
C LEU A 58 -4.40 4.47 16.61
N LEU A 59 -4.69 5.51 17.40
CA LEU A 59 -5.67 6.52 16.99
C LEU A 59 -5.14 7.33 15.81
N GLU A 60 -3.85 7.66 15.83
CA GLU A 60 -3.24 8.40 14.72
C GLU A 60 -3.15 7.51 13.48
N LEU A 61 -2.95 6.20 13.67
CA LEU A 61 -2.76 5.28 12.56
C LEU A 61 -4.02 5.24 11.68
N ARG A 62 -5.19 5.38 12.32
CA ARG A 62 -6.48 5.31 11.62
C ARG A 62 -6.51 6.25 10.41
N LYS A 63 -5.88 7.43 10.53
CA LYS A 63 -5.87 8.42 9.46
C LYS A 63 -5.33 7.83 8.16
N TYR A 64 -4.38 6.89 8.26
CA TYR A 64 -3.61 6.42 7.11
C TYR A 64 -4.15 5.09 6.57
N LEU A 65 -5.16 4.51 7.24
CA LEU A 65 -5.76 3.26 6.79
C LEU A 65 -7.06 3.58 6.05
N PRO A 66 -7.63 2.63 5.29
CA PRO A 66 -9.03 2.75 4.87
C PRO A 66 -9.88 2.80 6.13
N LYS A 67 -10.96 3.59 6.12
CA LYS A 67 -11.94 3.50 7.19
C LYS A 67 -12.46 2.06 7.22
N TYR A 68 -12.75 1.58 8.44
CA TYR A 68 -13.13 0.19 8.67
C TYR A 68 -14.58 0.16 9.14
N TYR A 69 -15.39 -0.68 8.47
CA TYR A 69 -16.81 -0.78 8.75
C TYR A 69 -17.15 -2.11 9.41
N GLY A 70 -16.10 -2.86 9.78
CA GLY A 70 -16.28 -4.12 10.50
C GLY A 70 -16.33 -5.31 9.54
N ILE A 71 -16.41 -6.51 10.15
CA ILE A 71 -16.55 -7.75 9.41
C ILE A 71 -17.91 -7.76 8.72
N TRP A 72 -17.96 -8.35 7.53
CA TRP A 72 -19.21 -8.50 6.80
C TRP A 72 -19.30 -9.91 6.23
N SER A 73 -20.52 -10.46 6.27
N SER A 73 -20.52 -10.47 6.25
CA SER A 73 -20.84 -11.73 5.62
CA SER A 73 -20.81 -11.73 5.59
C SER A 73 -22.14 -11.57 4.84
C SER A 73 -22.15 -11.63 4.87
N PRO A 74 -22.34 -12.30 3.71
CA PRO A 74 -23.63 -12.29 3.03
C PRO A 74 -24.74 -12.84 3.93
N PRO A 75 -25.96 -12.25 3.88
CA PRO A 75 -27.08 -12.69 4.72
C PRO A 75 -27.32 -14.19 4.81
N THR A 76 -27.04 -14.92 3.73
CA THR A 76 -27.32 -16.35 3.65
C THR A 76 -26.04 -17.19 3.73
N ALA A 77 -24.91 -16.57 4.12
CA ALA A 77 -23.63 -17.25 4.09
C ALA A 77 -22.70 -16.67 5.17
N PRO A 78 -22.96 -16.94 6.47
CA PRO A 78 -22.08 -16.46 7.55
C PRO A 78 -20.68 -17.07 7.53
N ASN A 79 -20.51 -18.16 6.79
CA ASN A 79 -19.21 -18.78 6.56
C ASN A 79 -18.28 -17.85 5.77
N ASP A 80 -18.86 -16.98 4.92
CA ASP A 80 -18.10 -16.26 3.91
C ASP A 80 -17.71 -14.89 4.46
N LEU A 81 -16.46 -14.76 4.93
CA LEU A 81 -16.02 -13.60 5.70
C LEU A 81 -15.35 -12.56 4.81
N TYR A 82 -15.78 -11.29 4.96
CA TYR A 82 -15.13 -10.17 4.32
C TYR A 82 -14.84 -9.06 5.32
N LEU A 83 -13.90 -8.20 4.95
CA LEU A 83 -13.73 -6.90 5.57
C LEU A 83 -14.44 -5.88 4.69
N LYS A 84 -15.20 -4.99 5.32
CA LYS A 84 -15.83 -3.87 4.63
C LYS A 84 -14.98 -2.64 4.88
N LEU A 85 -14.34 -2.15 3.81
CA LEU A 85 -13.36 -1.08 3.88
C LEU A 85 -13.78 0.08 2.98
N GLU A 86 -13.35 1.29 3.35
CA GLU A 86 -13.42 2.45 2.49
C GLU A 86 -12.77 2.15 1.14
N ASP A 87 -13.46 2.51 0.05
CA ASP A 87 -12.84 2.54 -1.26
C ASP A 87 -12.10 3.86 -1.40
N VAL A 88 -10.76 3.78 -1.40
CA VAL A 88 -9.90 4.94 -1.35
C VAL A 88 -9.91 5.67 -2.69
N THR A 89 -10.42 5.01 -3.75
CA THR A 89 -10.45 5.59 -5.08
C THR A 89 -11.79 6.26 -5.39
N HIS A 90 -12.75 6.18 -4.46
CA HIS A 90 -14.14 6.49 -4.74
C HIS A 90 -14.34 7.93 -5.16
N LYS A 91 -13.62 8.87 -4.53
CA LYS A 91 -13.87 10.28 -4.73
C LYS A 91 -13.25 10.78 -6.04
N PHE A 92 -12.56 9.90 -6.78
CA PHE A 92 -11.91 10.29 -8.03
C PHE A 92 -12.80 10.00 -9.23
N ASN A 93 -12.61 10.79 -10.29
CA ASN A 93 -13.34 10.64 -11.55
C ASN A 93 -12.65 9.59 -12.41
N LYS A 94 -11.37 9.84 -12.74
CA LYS A 94 -10.53 8.89 -13.44
C LYS A 94 -9.32 8.57 -12.55
N PRO A 95 -9.47 7.72 -11.51
CA PRO A 95 -8.36 7.43 -10.61
C PRO A 95 -7.20 6.73 -11.32
N CYS A 96 -5.99 7.22 -11.05
CA CYS A 96 -4.76 6.52 -11.37
C CYS A 96 -4.25 5.89 -10.08
N ILE A 97 -4.06 4.56 -10.10
CA ILE A 97 -3.85 3.78 -8.89
C ILE A 97 -2.52 3.01 -9.01
N MET A 98 -1.71 3.05 -7.96
CA MET A 98 -0.52 2.21 -7.88
C MET A 98 -0.42 1.60 -6.49
N ASP A 99 -0.13 0.29 -6.44
CA ASP A 99 0.10 -0.41 -5.19
C ASP A 99 1.58 -0.72 -5.06
N VAL A 100 2.19 -0.29 -3.94
CA VAL A 100 3.60 -0.53 -3.70
C VAL A 100 3.76 -1.26 -2.36
N LYS A 101 4.31 -2.48 -2.41
CA LYS A 101 4.65 -3.24 -1.22
C LYS A 101 5.89 -2.63 -0.57
N ILE A 102 5.83 -2.42 0.75
CA ILE A 102 6.88 -1.73 1.47
C ILE A 102 7.65 -2.70 2.37
N GLY A 103 8.98 -2.54 2.40
CA GLY A 103 9.83 -3.21 3.37
C GLY A 103 11.01 -3.93 2.74
N GLN A 104 11.92 -4.41 3.58
CA GLN A 104 13.09 -5.16 3.15
C GLN A 104 12.78 -6.65 3.11
N LYS A 105 11.81 -7.09 3.95
CA LYS A 105 11.41 -8.48 4.02
C LYS A 105 9.90 -8.56 3.83
N SER A 106 9.45 -9.48 2.96
CA SER A 106 8.03 -9.74 2.77
C SER A 106 7.62 -11.05 3.44
N TYR A 107 8.57 -11.70 4.11
CA TYR A 107 8.29 -12.83 4.98
C TYR A 107 8.25 -12.32 6.42
N ASP A 108 7.50 -13.00 7.29
CA ASP A 108 7.26 -12.51 8.63
C ASP A 108 8.15 -13.27 9.63
N PRO A 109 8.15 -12.89 10.92
CA PRO A 109 9.07 -13.49 11.90
C PRO A 109 8.88 -14.98 12.19
N PHE A 110 7.77 -15.57 11.71
CA PHE A 110 7.45 -16.95 12.00
C PHE A 110 7.41 -17.79 10.73
N ALA A 111 8.10 -17.33 9.68
CA ALA A 111 8.18 -18.07 8.43
C ALA A 111 9.23 -19.18 8.54
N SER A 112 8.97 -20.29 7.85
CA SER A 112 9.91 -21.39 7.74
C SER A 112 11.00 -21.04 6.73
N SER A 113 12.05 -21.88 6.68
CA SER A 113 13.14 -21.71 5.72
C SER A 113 12.58 -21.72 4.30
N GLU A 114 11.66 -22.66 4.05
CA GLU A 114 11.04 -22.83 2.74
C GLU A 114 10.21 -21.60 2.40
N LYS A 115 9.52 -21.05 3.40
CA LYS A 115 8.65 -19.90 3.22
C LYS A 115 9.50 -18.66 2.92
N ILE A 116 10.61 -18.51 3.66
CA ILE A 116 11.54 -17.41 3.45
C ILE A 116 12.08 -17.48 2.02
N GLN A 117 12.45 -18.69 1.58
CA GLN A 117 12.97 -18.91 0.23
C GLN A 117 11.93 -18.48 -0.80
N GLN A 118 10.68 -18.88 -0.59
CA GLN A 118 9.60 -18.53 -1.51
C GLN A 118 9.51 -17.01 -1.62
N GLN A 119 9.47 -16.33 -0.47
CA GLN A 119 9.21 -14.88 -0.44
C GLN A 119 10.37 -14.12 -1.07
N VAL A 120 11.61 -14.53 -0.79
CA VAL A 120 12.77 -13.81 -1.31
C VAL A 120 12.88 -14.04 -2.82
N SER A 121 12.55 -15.25 -3.29
CA SER A 121 12.68 -15.60 -4.70
C SER A 121 11.64 -14.85 -5.54
N LYS A 122 10.47 -14.55 -4.95
CA LYS A 122 9.44 -13.77 -5.61
C LYS A 122 10.01 -12.45 -6.11
N TYR A 123 10.89 -11.85 -5.29
CA TYR A 123 11.59 -10.62 -5.65
C TYR A 123 12.84 -10.49 -4.79
N PRO A 124 14.01 -11.01 -5.26
CA PRO A 124 15.21 -11.01 -4.43
C PRO A 124 15.89 -9.66 -4.20
N LEU A 125 15.32 -8.59 -4.76
CA LEU A 125 15.87 -7.25 -4.63
C LEU A 125 15.19 -6.46 -3.50
N MET A 126 14.37 -7.14 -2.70
CA MET A 126 13.53 -6.47 -1.72
C MET A 126 14.39 -5.83 -0.63
N GLU A 127 15.45 -6.55 -0.21
CA GLU A 127 16.35 -6.08 0.83
C GLU A 127 17.06 -4.81 0.36
N GLU A 128 17.48 -4.80 -0.92
CA GLU A 128 18.28 -3.73 -1.48
C GLU A 128 17.43 -2.49 -1.72
N ILE A 129 16.23 -2.66 -2.28
CA ILE A 129 15.44 -1.52 -2.73
C ILE A 129 14.44 -1.10 -1.65
N GLY A 130 13.82 -2.07 -0.98
CA GLY A 130 12.96 -1.79 0.16
C GLY A 130 11.50 -1.54 -0.23
N PHE A 131 11.19 -1.72 -1.52
CA PHE A 131 9.81 -1.64 -1.98
C PHE A 131 9.69 -2.37 -3.32
N LEU A 132 8.44 -2.72 -3.66
CA LEU A 132 8.13 -3.46 -4.88
C LEU A 132 6.77 -3.00 -5.40
N VAL A 133 6.71 -2.59 -6.67
CA VAL A 133 5.45 -2.21 -7.30
C VAL A 133 4.67 -3.49 -7.59
N LEU A 134 3.46 -3.59 -7.00
CA LEU A 134 2.60 -4.74 -7.21
C LEU A 134 1.76 -4.55 -8.47
N GLY A 135 1.47 -3.29 -8.82
CA GLY A 135 0.76 -2.99 -10.05
C GLY A 135 0.41 -1.50 -10.14
N MET A 136 0.00 -1.06 -11.33
CA MET A 136 -0.55 0.28 -11.48
C MET A 136 -1.60 0.28 -12.59
N ARG A 137 -2.52 1.25 -12.46
CA ARG A 137 -3.55 1.51 -13.46
C ARG A 137 -3.52 3.01 -13.73
N VAL A 138 -3.15 3.39 -14.97
CA VAL A 138 -2.86 4.78 -15.30
C VAL A 138 -3.81 5.21 -16.42
N TYR A 139 -4.60 6.27 -16.15
CA TYR A 139 -5.48 6.84 -17.16
C TYR A 139 -4.66 7.74 -18.09
N HIS A 140 -4.85 7.56 -19.40
CA HIS A 140 -4.22 8.39 -20.41
C HIS A 140 -5.27 9.29 -21.06
N VAL A 141 -5.01 10.59 -21.04
CA VAL A 141 -5.97 11.61 -21.47
C VAL A 141 -6.22 11.47 -22.98
N HIS A 142 -5.12 11.45 -23.74
CA HIS A 142 -5.18 11.64 -25.18
C HIS A 142 -5.59 10.35 -25.90
N SER A 143 -5.91 9.29 -25.14
CA SER A 143 -6.47 8.08 -25.71
C SER A 143 -7.76 7.65 -24.99
N ASP A 144 -8.09 8.32 -23.88
CA ASP A 144 -9.29 8.01 -23.10
C ASP A 144 -9.26 6.53 -22.72
N SER A 145 -8.13 6.08 -22.15
CA SER A 145 -7.94 4.67 -21.86
C SER A 145 -6.94 4.48 -20.73
N TYR A 146 -6.90 3.24 -20.21
CA TYR A 146 -6.06 2.86 -19.08
C TYR A 146 -4.93 1.96 -19.54
N GLU A 147 -3.70 2.25 -19.07
CA GLU A 147 -2.60 1.30 -19.10
C GLU A 147 -2.52 0.60 -17.75
N THR A 148 -2.46 -0.74 -17.78
CA THR A 148 -2.35 -1.52 -16.55
C THR A 148 -1.04 -2.29 -16.56
N GLU A 149 -0.39 -2.36 -15.39
CA GLU A 149 0.80 -3.16 -15.18
C GLU A 149 0.53 -4.14 -14.05
N ASN A 150 1.03 -5.38 -14.19
CA ASN A 150 0.76 -6.44 -13.24
C ASN A 150 1.98 -6.70 -12.38
N GLN A 151 1.91 -7.75 -11.56
CA GLN A 151 2.95 -8.16 -10.62
C GLN A 151 4.31 -8.28 -11.31
N HIS A 152 4.32 -8.73 -12.57
CA HIS A 152 5.56 -9.01 -13.28
C HIS A 152 6.29 -7.73 -13.68
N TYR A 153 5.56 -6.61 -13.77
CA TYR A 153 6.17 -5.32 -14.09
C TYR A 153 7.17 -4.93 -13.00
N GLY A 154 6.67 -4.81 -11.77
CA GLY A 154 7.48 -4.35 -10.65
C GLY A 154 8.60 -5.32 -10.31
N ARG A 155 8.34 -6.62 -10.43
CA ARG A 155 9.32 -7.64 -10.13
C ARG A 155 10.43 -7.65 -11.18
N SER A 156 10.21 -6.98 -12.32
CA SER A 156 11.22 -6.87 -13.37
C SER A 156 12.19 -5.73 -13.09
N LEU A 157 11.81 -4.80 -12.22
CA LEU A 157 12.58 -3.58 -12.02
C LEU A 157 13.82 -3.89 -11.19
N THR A 158 14.96 -3.33 -11.64
CA THR A 158 16.22 -3.39 -10.93
C THR A 158 16.54 -1.99 -10.41
N LYS A 159 17.67 -1.86 -9.72
CA LYS A 159 18.09 -0.56 -9.19
C LYS A 159 18.29 0.42 -10.35
N GLU A 160 18.68 -0.11 -11.52
CA GLU A 160 18.97 0.70 -12.69
C GLU A 160 17.69 1.29 -13.28
N THR A 161 16.55 0.61 -13.10
CA THR A 161 15.33 0.94 -13.80
C THR A 161 14.19 1.32 -12.86
N ILE A 162 14.45 1.40 -11.54
CA ILE A 162 13.37 1.63 -10.59
C ILE A 162 12.83 3.06 -10.74
N LYS A 163 13.70 4.03 -10.98
CA LYS A 163 13.25 5.41 -11.09
C LYS A 163 12.26 5.56 -12.24
N ASP A 164 12.62 5.04 -13.42
CA ASP A 164 11.76 5.11 -14.60
C ASP A 164 10.55 4.21 -14.41
N GLY A 165 10.72 3.11 -13.68
CA GLY A 165 9.63 2.18 -13.40
C GLY A 165 8.50 2.84 -12.61
N VAL A 166 8.87 3.72 -11.67
CA VAL A 166 7.92 4.44 -10.85
C VAL A 166 7.34 5.63 -11.61
N SER A 167 8.17 6.32 -12.39
N SER A 167 8.19 6.34 -12.35
CA SER A 167 7.76 7.54 -13.07
CA SER A 167 7.80 7.52 -13.12
C SER A 167 6.68 7.25 -14.13
C SER A 167 6.60 7.21 -14.01
N ARG A 168 6.56 5.99 -14.55
CA ARG A 168 5.51 5.57 -15.48
C ARG A 168 4.13 5.89 -14.90
N PHE A 169 3.96 5.69 -13.58
CA PHE A 169 2.69 5.91 -12.91
C PHE A 169 2.18 7.34 -13.12
N PHE A 170 3.11 8.29 -13.23
CA PHE A 170 2.79 9.72 -13.19
C PHE A 170 2.78 10.33 -14.59
N HIS A 171 2.73 9.49 -15.64
CA HIS A 171 2.66 9.98 -17.01
C HIS A 171 1.23 9.86 -17.52
N ASN A 172 0.64 11.00 -17.89
CA ASN A 172 -0.73 11.07 -18.39
C ASN A 172 -0.75 11.16 -19.91
N GLY A 173 0.38 10.84 -20.55
CA GLY A 173 0.46 10.80 -22.00
C GLY A 173 0.63 12.18 -22.63
N TYR A 174 1.05 13.17 -21.83
CA TYR A 174 1.35 14.50 -22.32
C TYR A 174 2.37 15.20 -21.43
N CYS A 175 2.24 15.03 -20.10
CA CYS A 175 3.20 15.59 -19.17
C CYS A 175 3.48 14.61 -18.03
N LEU A 176 4.58 14.85 -17.32
CA LEU A 176 4.86 14.20 -16.05
C LEU A 176 4.14 14.99 -14.95
N ARG A 177 3.29 14.29 -14.18
CA ARG A 177 2.47 14.91 -13.15
C ARG A 177 3.29 15.15 -11.90
N LYS A 178 4.14 16.18 -11.92
CA LYS A 178 5.03 16.47 -10.80
C LYS A 178 4.23 16.96 -9.59
N ASP A 179 3.04 17.53 -9.81
CA ASP A 179 2.16 17.87 -8.71
C ASP A 179 1.81 16.62 -7.90
N ALA A 180 1.46 15.53 -8.58
CA ALA A 180 1.08 14.30 -7.91
C ALA A 180 2.29 13.67 -7.23
N VAL A 181 3.47 13.81 -7.84
CA VAL A 181 4.70 13.28 -7.28
C VAL A 181 5.01 14.03 -5.98
N ALA A 182 4.92 15.36 -6.02
CA ALA A 182 5.22 16.18 -4.86
C ALA A 182 4.23 15.88 -3.73
N ALA A 183 2.94 15.79 -4.05
CA ALA A 183 1.91 15.49 -3.08
C ALA A 183 2.15 14.12 -2.45
N SER A 184 2.61 13.15 -3.26
CA SER A 184 2.86 11.80 -2.80
C SER A 184 3.99 11.79 -1.76
N ILE A 185 5.04 12.59 -2.01
CA ILE A 185 6.13 12.71 -1.06
C ILE A 185 5.60 13.22 0.28
N GLN A 186 4.76 14.27 0.22
CA GLN A 186 4.27 14.96 1.39
C GLN A 186 3.41 14.03 2.26
N LYS A 187 2.58 13.19 1.62
CA LYS A 187 1.72 12.28 2.36
C LYS A 187 2.51 11.10 2.92
N ILE A 188 3.48 10.56 2.15
CA ILE A 188 4.34 9.49 2.63
C ILE A 188 5.12 9.98 3.85
N GLU A 189 5.54 11.26 3.83
CA GLU A 189 6.32 11.83 4.91
C GLU A 189 5.55 11.75 6.23
N LYS A 190 4.22 11.93 6.18
CA LYS A 190 3.39 11.87 7.38
C LYS A 190 3.34 10.44 7.91
N ILE A 191 3.27 9.46 6.99
CA ILE A 191 3.23 8.05 7.37
C ILE A 191 4.58 7.68 7.98
N LEU A 192 5.67 8.20 7.39
CA LEU A 192 7.02 7.98 7.89
C LEU A 192 7.14 8.52 9.31
N GLN A 193 6.56 9.70 9.56
CA GLN A 193 6.59 10.32 10.88
C GLN A 193 5.86 9.43 11.89
N TRP A 194 4.75 8.83 11.49
CA TRP A 194 4.04 7.90 12.36
C TRP A 194 4.96 6.74 12.75
N PHE A 195 5.64 6.15 11.76
CA PHE A 195 6.49 4.99 12.01
C PHE A 195 7.67 5.36 12.91
N GLU A 196 8.11 6.62 12.84
CA GLU A 196 9.25 7.05 13.65
C GLU A 196 8.81 7.39 15.08
N ASN A 197 7.51 7.27 15.36
CA ASN A 197 6.98 7.58 16.68
C ASN A 197 6.19 6.39 17.23
N GLN A 198 6.55 5.17 16.79
CA GLN A 198 5.92 3.96 17.30
C GLN A 198 6.93 2.81 17.28
N LYS A 199 6.89 1.98 18.33
CA LYS A 199 7.70 0.78 18.41
C LYS A 199 6.85 -0.38 18.95
N GLN A 200 5.65 -0.57 18.38
CA GLN A 200 4.73 -1.57 18.89
C GLN A 200 4.18 -2.46 17.77
N LEU A 201 4.42 -2.10 16.51
CA LEU A 201 3.95 -2.89 15.37
C LEU A 201 5.03 -2.94 14.30
N ASN A 202 5.23 -4.14 13.73
CA ASN A 202 6.08 -4.32 12.56
C ASN A 202 5.21 -4.89 11.44
N PHE A 203 5.41 -4.38 10.21
CA PHE A 203 4.54 -4.62 9.09
C PHE A 203 5.31 -5.30 7.95
N TYR A 204 4.93 -6.55 7.63
CA TYR A 204 5.56 -7.31 6.56
C TYR A 204 4.53 -7.55 5.45
N ALA A 205 4.99 -7.42 4.20
CA ALA A 205 4.19 -7.64 3.01
C ALA A 205 2.95 -6.74 2.97
N SER A 206 3.02 -5.56 3.58
N SER A 206 3.06 -5.55 3.55
CA SER A 206 1.94 -4.59 3.50
CA SER A 206 2.01 -4.56 3.53
C SER A 206 2.30 -3.55 2.43
C SER A 206 2.32 -3.53 2.44
N SER A 207 1.30 -2.76 2.03
CA SER A 207 1.39 -1.90 0.85
C SER A 207 0.98 -0.45 1.15
N LEU A 208 1.43 0.44 0.26
CA LEU A 208 0.84 1.76 0.10
C LEU A 208 0.04 1.78 -1.20
N LEU A 209 -1.19 2.29 -1.11
CA LEU A 209 -2.03 2.54 -2.27
C LEU A 209 -1.97 4.02 -2.59
N PHE A 210 -1.45 4.35 -3.78
CA PHE A 210 -1.39 5.70 -4.29
C PHE A 210 -2.54 5.94 -5.25
N VAL A 211 -3.22 7.08 -5.12
CA VAL A 211 -4.26 7.46 -6.05
C VAL A 211 -4.10 8.94 -6.37
N TYR A 212 -4.21 9.29 -7.66
CA TYR A 212 -4.32 10.67 -8.07
C TYR A 212 -5.36 10.78 -9.19
N GLU A 213 -5.76 12.02 -9.49
CA GLU A 213 -6.82 12.28 -10.45
C GLU A 213 -6.23 12.39 -11.86
N GLY A 214 -6.67 11.49 -12.75
CA GLY A 214 -6.17 11.41 -14.12
C GLY A 214 -6.99 12.22 -15.12
N SER A 215 -8.21 12.62 -14.77
CA SER A 215 -9.10 13.29 -15.71
C SER A 215 -8.56 14.67 -16.08
N GLY A 221 -5.01 19.23 -9.80
CA GLY A 221 -3.74 19.58 -9.22
C GLY A 221 -3.45 19.27 -7.76
N GLY A 222 -2.54 18.33 -7.52
CA GLY A 222 -2.08 18.02 -6.17
C GLY A 222 -3.09 17.21 -5.35
N GLU A 223 -4.10 16.63 -6.02
CA GLU A 223 -5.18 15.90 -5.37
C GLU A 223 -4.84 14.41 -5.32
N VAL A 224 -4.48 13.90 -4.13
CA VAL A 224 -3.82 12.62 -4.02
C VAL A 224 -4.30 11.88 -2.76
N GLU A 225 -4.29 10.55 -2.84
CA GLU A 225 -4.43 9.68 -1.67
C GLU A 225 -3.21 8.78 -1.58
N VAL A 226 -2.72 8.63 -0.36
CA VAL A 226 -1.67 7.66 -0.08
C VAL A 226 -2.14 6.96 1.21
N ARG A 227 -2.52 5.68 1.07
CA ARG A 227 -3.00 4.93 2.21
C ARG A 227 -2.34 3.54 2.41
N MET A 228 -2.19 3.17 3.66
CA MET A 228 -1.68 1.85 4.02
C MET A 228 -2.77 0.76 3.88
N ILE A 229 -2.42 -0.35 3.27
CA ILE A 229 -3.35 -1.47 3.10
C ILE A 229 -2.61 -2.81 3.27
N ASP A 230 -3.40 -3.87 3.51
CA ASP A 230 -2.99 -5.26 3.40
C ASP A 230 -2.18 -5.68 4.63
N PHE A 231 -2.87 -6.21 5.65
CA PHE A 231 -2.33 -6.33 6.99
C PHE A 231 -2.37 -7.78 7.48
N ALA A 232 -2.07 -8.73 6.58
CA ALA A 232 -2.07 -10.15 6.92
C ALA A 232 -0.79 -10.56 7.65
N HIS A 233 0.23 -9.67 7.69
CA HIS A 233 1.48 -9.98 8.36
C HIS A 233 1.96 -8.79 9.20
N VAL A 234 1.07 -8.28 10.06
CA VAL A 234 1.43 -7.26 11.03
C VAL A 234 1.59 -7.92 12.40
N PHE A 235 2.72 -7.68 13.06
CA PHE A 235 3.04 -8.37 14.30
C PHE A 235 3.37 -7.36 15.40
N PRO A 236 3.15 -7.73 16.69
CA PRO A 236 3.61 -6.90 17.81
C PRO A 236 5.13 -6.85 17.84
N SER A 237 5.69 -5.73 18.32
CA SER A 237 7.12 -5.50 18.27
C SER A 237 7.55 -4.66 19.48
N ASN A 238 8.87 -4.67 19.72
CA ASN A 238 9.49 -3.86 20.76
C ASN A 238 10.38 -2.79 20.15
N THR A 239 10.41 -2.71 18.81
CA THR A 239 11.44 -1.96 18.12
C THR A 239 10.85 -1.20 16.93
N ILE A 240 11.65 -0.25 16.41
CA ILE A 240 11.35 0.47 15.18
C ILE A 240 11.20 -0.53 14.04
N ASP A 241 10.24 -0.30 13.15
CA ASP A 241 10.10 -1.09 11.95
C ASP A 241 11.13 -0.58 10.93
N GLU A 242 12.38 -1.02 11.09
CA GLU A 242 13.51 -0.44 10.38
C GLU A 242 13.40 -0.73 8.88
N GLY A 243 12.86 -1.90 8.53
CA GLY A 243 12.69 -2.28 7.13
C GLY A 243 11.66 -1.41 6.42
N TYR A 244 10.57 -1.06 7.12
CA TYR A 244 9.51 -0.26 6.53
C TYR A 244 10.01 1.17 6.34
N VAL A 245 10.73 1.68 7.35
CA VAL A 245 11.30 3.02 7.28
C VAL A 245 12.26 3.12 6.10
N TYR A 246 13.16 2.16 5.92
CA TYR A 246 14.09 2.15 4.78
C TYR A 246 13.35 2.22 3.47
N GLY A 247 12.29 1.44 3.36
CA GLY A 247 11.48 1.43 2.15
C GLY A 247 10.83 2.78 1.86
N LEU A 248 10.25 3.41 2.90
CA LEU A 248 9.62 4.70 2.76
C LEU A 248 10.65 5.74 2.33
N LYS A 249 11.81 5.73 2.99
CA LYS A 249 12.88 6.68 2.73
C LYS A 249 13.37 6.55 1.28
N HIS A 250 13.61 5.30 0.84
CA HIS A 250 14.10 5.06 -0.50
C HIS A 250 13.04 5.48 -1.53
N LEU A 251 11.77 5.19 -1.23
CA LEU A 251 10.68 5.57 -2.11
C LEU A 251 10.59 7.08 -2.25
N ILE A 252 10.73 7.80 -1.12
CA ILE A 252 10.74 9.26 -1.12
C ILE A 252 11.91 9.79 -1.96
N SER A 253 13.08 9.14 -1.85
N SER A 253 13.08 9.13 -1.85
CA SER A 253 14.26 9.56 -2.57
CA SER A 253 14.27 9.54 -2.56
C SER A 253 14.07 9.39 -4.07
C SER A 253 14.08 9.38 -4.07
N VAL A 254 13.43 8.30 -4.48
CA VAL A 254 13.14 8.03 -5.88
C VAL A 254 12.18 9.11 -6.40
N LEU A 255 11.08 9.34 -5.66
CA LEU A 255 10.08 10.33 -6.05
C LEU A 255 10.71 11.72 -6.13
N ARG A 256 11.60 12.04 -5.19
CA ARG A 256 12.29 13.32 -5.18
C ARG A 256 13.11 13.48 -6.46
N SER A 257 13.81 12.42 -6.88
N SER A 257 13.80 12.40 -6.87
CA SER A 257 14.65 12.49 -8.07
CA SER A 257 14.64 12.42 -8.06
C SER A 257 13.79 12.70 -9.32
C SER A 257 13.80 12.68 -9.30
N ILE A 258 12.57 12.15 -9.32
CA ILE A 258 11.66 12.30 -10.45
C ILE A 258 11.26 13.77 -10.63
N LEU A 259 11.22 14.53 -9.54
CA LEU A 259 10.88 15.95 -9.61
C LEU A 259 11.92 16.74 -10.39
N ASP A 260 13.08 16.14 -10.70
CA ASP A 260 14.14 16.82 -11.43
C ASP A 260 14.13 16.45 -12.92
N ASN A 261 13.16 15.63 -13.36
CA ASN A 261 13.11 15.20 -14.74
C ASN A 261 12.93 16.39 -15.68
CLBC YJB B . -6.16 -5.33 -7.88
CAY YJB B . -5.49 -3.74 -7.92
CAX YJB B . -4.28 -3.50 -8.54
CAW YJB B . -3.77 -2.21 -8.55
CLBB YJB B . -2.35 -1.85 -9.27
CAV YJB B . -4.47 -1.18 -7.94
NBA YJB B . -5.69 -1.43 -7.31
CAU YJB B . -6.17 -2.68 -7.31
OAZ YJB B . -7.35 -3.00 -6.72
CAN YJB B . -8.04 -1.89 -6.32
CAO YJB B . -8.09 -1.61 -4.96
CAM YJB B . -8.71 -1.08 -7.25
CAL YJB B . -9.42 0.01 -6.79
CAK YJB B . -9.47 0.28 -5.43
CAJ YJB B . -8.78 -0.50 -4.49
CAG YJB B . -8.92 -0.18 -3.18
CAC YJB B . -8.56 -0.84 -2.05
CAD YJB B . -7.91 -2.00 -1.74
OAI YJB B . -9.58 0.95 -2.85
NAH YJB B . -9.62 1.01 -1.52
CAB YJB B . -9.00 -0.07 -1.03
CAA YJB B . -8.81 -0.41 0.25
CAF YJB B . -8.15 -1.57 0.59
CAE YJB B . -7.68 -2.41 -0.42
CAP YJB B . -7.01 -3.55 -0.11
NAR YJB B . -6.43 -4.36 -0.99
NAS YJB B . -5.84 -5.34 -0.32
NAT YJB B . -6.04 -5.13 0.98
NAQ YJB B . -6.76 -4.02 1.12
#